data_9D9Y
#
_entry.id   9D9Y
#
_cell.length_a   118.464
_cell.length_b   118.464
_cell.length_c   66.571
_cell.angle_alpha   90.000
_cell.angle_beta   90.000
_cell.angle_gamma   90.000
#
_symmetry.space_group_name_H-M   'P 43 21 2'
#
loop_
_entity.id
_entity.type
_entity.pdbx_description
1 polymer '3C-like protease'
2 non-polymer '4-{2-(4-FLUORO-BENZYL)-6-METHYL-5-[(5-METHYL-ISOXAZOLE-3-CARBONYL)-AMINO]-4-OXO-HEPTANOYLAMINO}-5-(2-OXO-PYRROLIDIN-3-YL)-PENTANOIC ACID ETHYL ESTER'
3 water water
#
_entity_poly.entity_id   1
_entity_poly.type   'polypeptide(L)'
_entity_poly.pdbx_seq_one_letter_code
;GSAPPTLWSRVTKFGSGWGFWVSPTVFITTTHVVPTGVKEFFGEPLSSIAIHQAGEFTQFRFSKKMRPDLTGMVLEEGCP
EGTVCSVLIKRDSGELLPLAVRMGAIASMRIQGRLVHGQSGMLLTGANAKGMDLGTIPGDCGAPYVHKRGNDWVVCGVHA
AATKSGNTVVCAVQAGEGETALE
;
_entity_poly.pdbx_strand_id   A,B
#
loop_
_chem_comp.id
_chem_comp.type
_chem_comp.name
_chem_comp.formula
AG7 non-polymer '4-{2-(4-FLUORO-BENZYL)-6-METHYL-5-[(5-METHYL-ISOXAZOLE-3-CARBONYL)-AMINO]-4-OXO-HEPTANOYLAMINO}-5-(2-OXO-PYRROLIDIN-3-YL)-PENTANOIC ACID ETHYL ESTER' 'C31 H41 F N4 O7'
#
# COMPACT_ATOMS: atom_id res chain seq x y z
N SER A 2 0.17 -11.01 11.89
CA SER A 2 0.38 -9.98 10.84
C SER A 2 -0.93 -9.63 10.15
N ALA A 3 -1.16 -8.36 9.95
CA ALA A 3 -2.39 -7.93 9.32
C ALA A 3 -2.39 -8.33 7.85
N PRO A 4 -3.53 -8.76 7.33
CA PRO A 4 -3.60 -9.14 5.92
C PRO A 4 -3.35 -7.91 5.02
N PRO A 5 -2.86 -8.17 3.80
CA PRO A 5 -2.70 -7.05 2.86
C PRO A 5 -3.96 -6.24 2.60
N THR A 6 -5.14 -6.88 2.53
CA THR A 6 -6.35 -6.12 2.27
C THR A 6 -6.65 -5.14 3.38
N LEU A 7 -6.28 -5.49 4.63
CA LEU A 7 -6.47 -4.55 5.74
C LEU A 7 -5.58 -3.33 5.58
N TRP A 8 -4.29 -3.54 5.23
CA TRP A 8 -3.46 -2.40 4.92
C TRP A 8 -4.00 -1.57 3.77
N SER A 9 -4.66 -2.21 2.79
CA SER A 9 -5.16 -1.44 1.65
C SER A 9 -6.24 -0.46 2.03
N ARG A 10 -6.83 -0.63 3.22
CA ARG A 10 -7.81 0.35 3.72
C ARG A 10 -7.18 1.64 4.20
N VAL A 11 -5.88 1.64 4.51
CA VAL A 11 -5.17 2.81 4.99
C VAL A 11 -4.87 3.71 3.79
N THR A 12 -5.40 4.91 3.82
CA THR A 12 -5.47 5.81 2.66
C THR A 12 -4.94 7.20 2.98
N LYS A 13 -4.14 7.78 2.08
CA LYS A 13 -3.61 9.12 2.33
C LYS A 13 -4.76 10.12 2.27
N PHE A 14 -4.80 11.02 3.25
CA PHE A 14 -5.89 11.98 3.39
C PHE A 14 -5.38 13.21 4.11
N GLY A 15 -5.56 14.38 3.50
CA GLY A 15 -5.19 15.60 4.21
C GLY A 15 -3.73 15.53 4.58
N SER A 16 -3.43 15.89 5.83
CA SER A 16 -2.06 15.92 6.35
C SER A 16 -1.66 14.60 7.01
N GLY A 17 -2.44 13.55 6.78
CA GLY A 17 -2.12 12.25 7.34
C GLY A 17 -2.81 11.15 6.57
N TRP A 18 -3.57 10.35 7.31
CA TRP A 18 -4.17 9.13 6.79
C TRP A 18 -5.59 8.99 7.30
N GLY A 19 -6.36 8.16 6.62
CA GLY A 19 -7.62 7.65 7.14
C GLY A 19 -7.76 6.17 6.81
N PHE A 20 -8.93 5.62 7.15
CA PHE A 20 -9.13 4.17 7.05
C PHE A 20 -10.53 3.85 6.58
N TRP A 21 -10.64 3.04 5.53
CA TRP A 21 -11.95 2.57 5.08
C TRP A 21 -12.44 1.44 5.98
N VAL A 22 -13.47 1.72 6.79
CA VAL A 22 -14.15 0.67 7.57
C VAL A 22 -15.01 -0.23 6.68
N SER A 23 -15.58 0.36 5.65
CA SER A 23 -16.54 -0.31 4.77
C SER A 23 -16.44 0.36 3.42
N PRO A 24 -17.20 -0.08 2.40
CA PRO A 24 -17.16 0.63 1.11
C PRO A 24 -17.55 2.08 1.19
N THR A 25 -18.30 2.48 2.23
CA THR A 25 -18.83 3.83 2.33
C THR A 25 -18.34 4.61 3.54
N VAL A 26 -17.77 3.96 4.55
CA VAL A 26 -17.41 4.60 5.82
C VAL A 26 -15.90 4.76 5.93
N PHE A 27 -15.45 5.98 6.21
CA PHE A 27 -14.03 6.37 6.29
C PHE A 27 -13.84 7.05 7.63
N ILE A 28 -12.77 6.68 8.36
CA ILE A 28 -12.49 7.32 9.64
C ILE A 28 -11.09 7.92 9.63
N THR A 29 -10.94 9.00 10.41
CA THR A 29 -9.64 9.65 10.55
C THR A 29 -9.68 10.47 11.81
N THR A 30 -8.57 11.15 12.12
CA THR A 30 -8.57 12.08 13.25
C THR A 30 -8.84 13.47 12.75
N THR A 31 -9.49 14.27 13.60
CA THR A 31 -9.98 15.57 13.18
C THR A 31 -8.88 16.48 12.68
N HIS A 32 -7.67 16.40 13.28
CA HIS A 32 -6.63 17.33 12.87
C HIS A 32 -6.14 17.08 11.46
N VAL A 33 -6.32 15.88 10.90
CA VAL A 33 -5.75 15.71 9.57
C VAL A 33 -6.72 16.10 8.48
N VAL A 34 -8.00 16.33 8.80
CA VAL A 34 -9.00 16.62 7.74
C VAL A 34 -8.61 17.90 7.01
N PRO A 35 -8.59 17.92 5.69
CA PRO A 35 -8.34 19.18 4.98
C PRO A 35 -9.51 20.15 5.16
N THR A 36 -9.19 21.44 5.27
CA THR A 36 -10.20 22.48 5.38
C THR A 36 -10.07 23.44 4.18
N GLY A 37 -11.09 24.26 3.99
CA GLY A 37 -11.13 25.07 2.77
C GLY A 37 -11.37 24.31 1.50
N VAL A 38 -11.91 23.10 1.57
CA VAL A 38 -12.20 22.31 0.38
C VAL A 38 -13.70 22.19 0.20
N LYS A 39 -14.09 21.80 -1.01
CA LYS A 39 -15.49 21.57 -1.35
C LYS A 39 -15.82 20.11 -1.60
N GLU A 40 -14.82 19.24 -1.61
CA GLU A 40 -15.02 17.82 -1.84
C GLU A 40 -14.01 17.04 -1.01
N PHE A 41 -14.39 15.81 -0.66
CA PHE A 41 -13.46 14.78 -0.20
C PHE A 41 -13.54 13.62 -1.17
N PHE A 42 -12.40 13.15 -1.67
CA PHE A 42 -12.35 12.05 -2.64
C PHE A 42 -13.28 12.30 -3.82
N GLY A 43 -13.41 13.56 -4.24
CA GLY A 43 -14.25 13.91 -5.36
C GLY A 43 -15.72 14.04 -5.09
N GLU A 44 -16.16 13.81 -3.86
CA GLU A 44 -17.57 13.87 -3.48
C GLU A 44 -17.86 15.17 -2.76
N PRO A 45 -18.92 15.89 -3.16
CA PRO A 45 -19.22 17.17 -2.50
C PRO A 45 -19.53 16.97 -1.03
N LEU A 46 -19.10 17.93 -0.21
CA LEU A 46 -19.28 17.77 1.23
C LEU A 46 -20.75 17.63 1.61
N SER A 47 -21.65 18.27 0.87
CA SER A 47 -23.06 18.20 1.22
C SER A 47 -23.65 16.80 1.05
N SER A 48 -22.95 15.90 0.38
CA SER A 48 -23.44 14.55 0.10
C SER A 48 -22.92 13.53 1.11
N ILE A 49 -22.12 13.97 2.08
CA ILE A 49 -21.41 13.09 2.99
C ILE A 49 -22.06 13.24 4.36
N ALA A 50 -22.28 12.13 5.05
CA ALA A 50 -22.73 12.17 6.43
C ALA A 50 -21.49 12.19 7.31
N ILE A 51 -21.50 13.02 8.35
CA ILE A 51 -20.29 13.34 9.11
C ILE A 51 -20.61 13.23 10.59
N HIS A 52 -19.73 12.55 11.35
CA HIS A 52 -19.80 12.58 12.81
C HIS A 52 -18.39 12.91 13.30
N GLN A 53 -18.24 14.08 13.87
CA GLN A 53 -16.91 14.58 14.31
C GLN A 53 -17.01 15.08 15.74
N ALA A 54 -16.23 14.46 16.63
CA ALA A 54 -16.28 14.81 18.05
C ALA A 54 -15.09 14.16 18.72
N GLY A 55 -14.51 14.86 19.70
CA GLY A 55 -13.46 14.25 20.51
C GLY A 55 -12.22 13.85 19.75
N GLU A 56 -11.95 14.49 18.62
CA GLU A 56 -10.81 14.28 17.73
C GLU A 56 -11.02 13.08 16.80
N PHE A 57 -12.19 12.45 16.79
CA PHE A 57 -12.52 11.34 15.88
C PHE A 57 -13.49 11.88 14.82
N THR A 58 -13.17 11.68 13.54
CA THR A 58 -14.04 12.11 12.45
C THR A 58 -14.41 10.91 11.60
N GLN A 59 -15.70 10.70 11.43
CA GLN A 59 -16.21 9.62 10.57
C GLN A 59 -17.00 10.23 9.44
N PHE A 60 -16.75 9.75 8.23
CA PHE A 60 -17.51 10.09 7.05
C PHE A 60 -18.27 8.87 6.55
N ARG A 61 -19.50 9.09 6.08
CA ARG A 61 -20.24 8.06 5.36
C ARG A 61 -20.66 8.67 4.01
N PHE A 62 -20.08 8.15 2.94
CA PHE A 62 -20.36 8.61 1.59
C PHE A 62 -21.66 8.01 1.08
N SER A 63 -22.24 8.66 0.07
CA SER A 63 -23.53 8.27 -0.45
C SER A 63 -23.41 7.35 -1.68
N LYS A 64 -22.21 6.92 -1.99
CA LYS A 64 -21.96 5.91 -3.00
C LYS A 64 -20.84 5.02 -2.49
N LYS A 65 -20.73 3.85 -3.09
CA LYS A 65 -19.66 2.93 -2.73
C LYS A 65 -18.34 3.45 -3.25
N MET A 66 -17.45 3.80 -2.33
CA MET A 66 -16.13 4.30 -2.69
C MET A 66 -15.10 3.19 -2.80
N ARG A 67 -15.22 2.14 -2.00
CA ARG A 67 -14.30 1.00 -1.98
C ARG A 67 -15.13 -0.28 -1.99
N PRO A 68 -15.81 -0.55 -3.12
CA PRO A 68 -16.72 -1.71 -3.17
C PRO A 68 -16.02 -3.05 -3.01
N ASP A 69 -14.71 -3.08 -3.10
CA ASP A 69 -13.94 -4.29 -2.90
C ASP A 69 -13.87 -4.73 -1.45
N LEU A 70 -14.17 -3.83 -0.50
CA LEU A 70 -14.03 -4.14 0.92
C LEU A 70 -15.30 -4.67 1.54
N THR A 71 -15.14 -5.56 2.51
CA THR A 71 -16.20 -5.92 3.41
C THR A 71 -16.27 -4.91 4.57
N GLY A 72 -17.47 -4.55 4.99
CA GLY A 72 -17.58 -3.71 6.18
C GLY A 72 -17.07 -4.48 7.39
N MET A 73 -16.19 -3.86 8.16
CA MET A 73 -15.63 -4.54 9.32
C MET A 73 -16.11 -3.87 10.60
N VAL A 74 -15.77 -4.48 11.72
CA VAL A 74 -16.28 -4.01 13.01
C VAL A 74 -15.40 -2.87 13.50
N LEU A 75 -16.04 -1.77 13.88
CA LEU A 75 -15.39 -0.63 14.53
C LEU A 75 -15.88 -0.61 15.97
N GLU A 76 -14.94 -0.63 16.91
CA GLU A 76 -15.28 -0.60 18.33
C GLU A 76 -14.71 0.65 18.98
N GLU A 77 -15.27 1.01 20.14
CA GLU A 77 -14.84 2.20 20.87
C GLU A 77 -13.70 1.76 21.78
N GLY A 78 -12.51 1.75 21.22
CA GLY A 78 -11.36 1.33 21.97
C GLY A 78 -11.37 -0.17 22.18
N CYS A 79 -10.45 -0.61 23.03
CA CYS A 79 -10.33 -2.04 23.31
C CYS A 79 -10.04 -2.31 24.76
N PRO A 80 -10.10 -3.58 25.22
CA PRO A 80 -9.79 -3.85 26.62
C PRO A 80 -8.35 -3.50 27.00
N GLU A 81 -8.19 -3.00 28.24
CA GLU A 81 -6.86 -2.71 28.74
C GLU A 81 -5.98 -3.93 28.61
N GLY A 82 -4.77 -3.72 28.15
CA GLY A 82 -3.82 -4.80 28.02
C GLY A 82 -3.77 -5.42 26.65
N THR A 83 -4.77 -5.16 25.81
CA THR A 83 -4.74 -5.57 24.39
C THR A 83 -3.49 -5.05 23.74
N VAL A 84 -2.82 -5.90 22.97
CA VAL A 84 -1.73 -5.42 22.12
C VAL A 84 -2.33 -5.16 20.76
N CYS A 85 -2.49 -3.88 20.42
CA CYS A 85 -2.92 -3.46 19.09
C CYS A 85 -1.74 -3.31 18.16
N SER A 86 -2.03 -3.31 16.86
CA SER A 86 -1.11 -2.89 15.85
C SER A 86 -1.57 -1.56 15.28
N VAL A 87 -0.67 -0.58 15.23
CA VAL A 87 -0.96 0.68 14.55
C VAL A 87 -0.46 0.53 13.12
N LEU A 88 -1.36 0.58 12.13
CA LEU A 88 -0.95 0.32 10.76
C LEU A 88 -0.44 1.59 10.12
N ILE A 89 0.86 1.86 10.32
CA ILE A 89 1.46 3.10 9.83
C ILE A 89 2.01 2.90 8.44
N LYS A 90 1.57 3.72 7.50
CA LYS A 90 2.17 3.83 6.17
C LYS A 90 3.04 5.07 6.19
N ARG A 91 4.26 4.96 5.66
CA ARG A 91 5.17 6.09 5.53
C ARG A 91 5.25 6.48 4.06
N ASP A 92 5.70 7.71 3.81
CA ASP A 92 5.60 8.21 2.45
C ASP A 92 6.49 7.46 1.47
N SER A 93 7.50 6.75 1.98
CA SER A 93 8.33 5.89 1.14
C SER A 93 7.57 4.69 0.59
N GLY A 94 6.44 4.32 1.19
CA GLY A 94 5.75 3.08 0.92
C GLY A 94 5.98 2.03 1.98
N GLU A 95 6.91 2.29 2.89
CA GLU A 95 7.15 1.40 4.01
C GLU A 95 5.88 1.20 4.80
N LEU A 96 5.62 -0.05 5.20
CA LEU A 96 4.54 -0.40 6.12
C LEU A 96 5.18 -0.71 7.45
N LEU A 97 4.80 0.05 8.48
CA LEU A 97 5.41 -0.01 9.78
C LEU A 97 4.34 -0.35 10.81
N PRO A 98 4.04 -1.63 11.03
CA PRO A 98 3.08 -1.98 12.09
C PRO A 98 3.76 -1.86 13.44
N LEU A 99 3.24 -0.95 14.25
CA LEU A 99 3.78 -0.69 15.58
C LEU A 99 2.92 -1.38 16.62
N ALA A 100 3.55 -2.19 17.45
CA ALA A 100 2.85 -2.87 18.53
C ALA A 100 2.71 -1.94 19.73
N VAL A 101 1.48 -1.87 20.28
CA VAL A 101 1.15 -0.97 21.37
C VAL A 101 0.35 -1.75 22.39
N ARG A 102 0.79 -1.72 23.66
CA ARG A 102 0.01 -2.30 24.74
C ARG A 102 -0.97 -1.24 25.25
N MET A 103 -2.27 -1.47 25.03
CA MET A 103 -3.25 -0.43 25.30
C MET A 103 -3.55 -0.30 26.77
N GLY A 104 -3.80 0.95 27.20
CA GLY A 104 -4.19 1.22 28.56
C GLY A 104 -5.62 1.68 28.67
N ALA A 105 -5.85 2.73 29.45
CA ALA A 105 -7.21 3.14 29.79
C ALA A 105 -7.84 4.00 28.70
N ILE A 106 -9.13 3.81 28.50
CA ILE A 106 -9.94 4.71 27.69
C ILE A 106 -10.33 5.89 28.57
N ALA A 107 -10.11 7.13 28.10
CA ALA A 107 -10.45 8.27 28.93
C ALA A 107 -10.61 9.52 28.08
N SER A 108 -11.31 10.50 28.61
CA SER A 108 -11.22 11.86 28.08
C SER A 108 -10.01 12.56 28.63
N MET A 109 -9.22 13.13 27.72
CA MET A 109 -7.99 13.84 28.06
C MET A 109 -8.00 15.20 27.40
N ARG A 110 -7.30 16.14 28.01
CA ARG A 110 -7.06 17.44 27.40
C ARG A 110 -5.65 17.42 26.80
N ILE A 111 -5.56 17.56 25.49
CA ILE A 111 -4.31 17.56 24.76
C ILE A 111 -4.23 18.89 24.03
N GLN A 112 -3.18 19.66 24.32
CA GLN A 112 -3.02 20.98 23.74
C GLN A 112 -4.34 21.77 23.77
N GLY A 113 -5.03 21.72 24.90
CA GLY A 113 -6.23 22.52 25.13
C GLY A 113 -7.52 22.00 24.53
N ARG A 114 -7.49 20.86 23.89
CA ARG A 114 -8.66 20.28 23.23
C ARG A 114 -9.04 19.00 23.98
N LEU A 115 -10.33 18.70 23.99
CA LEU A 115 -10.86 17.45 24.53
C LEU A 115 -10.66 16.32 23.51
N VAL A 116 -9.97 15.26 23.91
CA VAL A 116 -9.84 14.05 23.09
C VAL A 116 -10.53 12.93 23.85
N HIS A 117 -11.43 12.21 23.20
CA HIS A 117 -11.91 10.96 23.75
C HIS A 117 -10.99 9.89 23.16
N GLY A 118 -10.12 9.32 23.98
CA GLY A 118 -9.06 8.47 23.44
C GLY A 118 -8.74 7.31 24.35
N GLN A 119 -7.76 6.54 23.91
CA GLN A 119 -7.16 5.47 24.66
C GLN A 119 -5.65 5.64 24.53
N SER A 120 -4.95 5.54 25.66
CA SER A 120 -3.51 5.62 25.67
C SER A 120 -2.94 4.22 25.49
N GLY A 121 -1.73 4.15 24.97
CA GLY A 121 -0.99 2.89 25.01
C GLY A 121 0.50 3.10 25.02
N MET A 122 1.21 2.04 25.42
CA MET A 122 2.66 2.04 25.53
C MET A 122 3.26 1.34 24.32
N LEU A 123 4.14 2.05 23.61
CA LEU A 123 4.82 1.46 22.46
C LEU A 123 5.76 0.36 22.93
N LEU A 124 5.67 -0.81 22.32
CA LEU A 124 6.56 -1.92 22.62
C LEU A 124 7.79 -1.86 21.72
N LEU A 134 11.18 4.01 15.30
CA LEU A 134 11.09 3.69 16.72
C LEU A 134 10.02 4.54 17.41
N GLY A 135 9.14 5.14 16.61
CA GLY A 135 8.01 5.86 17.16
C GLY A 135 7.22 6.53 16.05
N THR A 136 6.12 7.16 16.45
CA THR A 136 5.24 7.87 15.54
C THR A 136 5.76 9.30 15.30
N ILE A 137 5.38 9.84 14.15
CA ILE A 137 5.74 11.18 13.64
C ILE A 137 4.52 11.95 13.18
N PRO A 138 4.60 13.25 12.90
CA PRO A 138 3.35 14.01 12.62
C PRO A 138 2.53 13.46 11.45
N GLY A 139 3.17 12.99 10.41
CA GLY A 139 2.41 12.52 9.28
C GLY A 139 1.65 11.24 9.53
N ASP A 140 1.82 10.63 10.71
CA ASP A 140 1.20 9.32 10.98
C ASP A 140 -0.24 9.46 11.49
N CYS A 141 -0.70 10.67 11.78
CA CYS A 141 -2.04 10.80 12.37
C CYS A 141 -3.09 10.27 11.41
N GLY A 142 -4.07 9.58 11.98
CA GLY A 142 -5.11 8.91 11.23
C GLY A 142 -4.91 7.42 11.07
N ALA A 143 -3.70 6.92 11.31
CA ALA A 143 -3.45 5.52 11.11
C ALA A 143 -4.32 4.69 12.06
N PRO A 144 -4.83 3.55 11.65
CA PRO A 144 -5.75 2.78 12.50
C PRO A 144 -5.04 1.93 13.50
N TYR A 145 -5.70 1.76 14.65
CA TYR A 145 -5.31 0.80 15.65
C TYR A 145 -6.21 -0.42 15.51
N VAL A 146 -5.60 -1.58 15.29
CA VAL A 146 -6.39 -2.77 15.01
C VAL A 146 -5.93 -3.91 15.90
N HIS A 147 -6.80 -4.90 16.06
CA HIS A 147 -6.43 -6.12 16.74
C HIS A 147 -7.29 -7.26 16.23
N LYS A 148 -6.79 -8.48 16.43
CA LYS A 148 -7.49 -9.66 15.95
C LYS A 148 -8.15 -10.35 17.12
N ARG A 149 -9.48 -10.44 17.05
CA ARG A 149 -10.28 -11.15 18.05
C ARG A 149 -10.88 -12.38 17.39
N GLY A 150 -10.43 -13.54 17.81
CA GLY A 150 -10.89 -14.75 17.18
C GLY A 150 -10.47 -14.73 15.72
N ASN A 151 -11.47 -14.79 14.83
CA ASN A 151 -11.21 -14.91 13.41
C ASN A 151 -11.32 -13.59 12.67
N ASP A 152 -11.72 -12.51 13.33
CA ASP A 152 -11.97 -11.26 12.63
C ASP A 152 -11.08 -10.14 13.18
N TRP A 153 -10.58 -9.32 12.27
CA TRP A 153 -9.93 -8.07 12.64
C TRP A 153 -10.94 -7.03 13.07
N VAL A 154 -10.55 -6.21 14.05
CA VAL A 154 -11.34 -5.12 14.58
C VAL A 154 -10.50 -3.85 14.52
N VAL A 155 -11.12 -2.73 14.14
CA VAL A 155 -10.45 -1.43 14.25
C VAL A 155 -11.02 -0.74 15.47
N CYS A 156 -10.16 -0.14 16.30
CA CYS A 156 -10.70 0.45 17.52
C CYS A 156 -10.26 1.88 17.79
N GLY A 157 -9.53 2.51 16.88
CA GLY A 157 -9.16 3.89 17.09
C GLY A 157 -8.31 4.35 15.93
N VAL A 158 -8.02 5.64 15.91
CA VAL A 158 -7.17 6.27 14.88
C VAL A 158 -6.10 7.11 15.60
N HIS A 159 -4.88 7.09 15.05
CA HIS A 159 -3.77 7.72 15.75
C HIS A 159 -3.95 9.23 15.86
N ALA A 160 -3.82 9.77 17.07
CA ALA A 160 -4.04 11.19 17.29
C ALA A 160 -2.88 11.95 17.91
N ALA A 161 -2.07 11.31 18.73
CA ALA A 161 -1.07 12.02 19.51
C ALA A 161 -0.02 11.06 20.05
N ALA A 162 1.13 11.62 20.42
CA ALA A 162 2.11 10.88 21.20
C ALA A 162 2.85 11.89 22.05
N THR A 163 3.39 11.39 23.16
CA THR A 163 4.13 12.29 24.03
C THR A 163 5.45 12.69 23.39
N LYS A 164 6.10 13.70 24.00
CA LYS A 164 7.37 14.19 23.48
C LYS A 164 8.42 13.09 23.47
N SER A 165 8.50 12.31 24.54
CA SER A 165 9.41 11.18 24.54
C SER A 165 9.08 10.18 23.45
N GLY A 166 7.81 10.11 23.03
CA GLY A 166 7.37 9.15 22.04
C GLY A 166 6.96 7.79 22.58
N ASN A 167 7.18 7.55 23.89
CA ASN A 167 6.91 6.24 24.45
C ASN A 167 5.41 5.91 24.57
N THR A 168 4.57 6.94 24.66
CA THR A 168 3.12 6.78 24.85
C THR A 168 2.41 7.37 23.65
N VAL A 169 1.38 6.66 23.16
CA VAL A 169 0.58 7.10 22.02
C VAL A 169 -0.86 7.20 22.49
N VAL A 170 -1.63 8.00 21.76
CA VAL A 170 -3.06 8.13 22.03
C VAL A 170 -3.79 7.94 20.73
N CYS A 171 -4.81 7.07 20.73
CA CYS A 171 -5.73 7.03 19.59
C CYS A 171 -7.06 7.65 20.00
N ALA A 172 -7.67 8.37 19.08
CA ALA A 172 -9.05 8.80 19.26
C ALA A 172 -9.97 7.61 19.03
N VAL A 173 -11.05 7.57 19.83
CA VAL A 173 -12.03 6.49 19.74
C VAL A 173 -13.42 7.10 19.55
N GLN A 174 -14.29 6.31 18.92
CA GLN A 174 -15.70 6.69 18.78
C GLN A 174 -16.59 5.57 19.29
N SER B 2 -0.58 -16.45 -0.60
CA SER B 2 -1.03 -15.03 -0.46
C SER B 2 0.20 -14.20 -0.05
N ALA B 3 0.51 -13.20 -0.85
CA ALA B 3 1.72 -12.44 -0.65
C ALA B 3 1.64 -11.63 0.64
N PRO B 4 2.74 -11.50 1.39
CA PRO B 4 2.68 -10.74 2.65
C PRO B 4 2.63 -9.25 2.40
N PRO B 5 2.22 -8.46 3.40
CA PRO B 5 2.10 -7.01 3.17
C PRO B 5 3.40 -6.35 2.74
N THR B 6 4.52 -6.78 3.34
CA THR B 6 5.81 -6.18 2.98
C THR B 6 6.09 -6.37 1.49
N LEU B 7 5.67 -7.50 0.91
CA LEU B 7 5.89 -7.73 -0.52
C LEU B 7 5.05 -6.77 -1.36
N TRP B 8 3.76 -6.59 -1.01
CA TRP B 8 2.96 -5.56 -1.63
C TRP B 8 3.54 -4.17 -1.45
N SER B 9 4.22 -3.89 -0.32
CA SER B 9 4.74 -2.55 -0.09
C SER B 9 5.85 -2.19 -1.06
N ARG B 10 6.44 -3.19 -1.72
CA ARG B 10 7.45 -2.93 -2.73
C ARG B 10 6.84 -2.41 -4.04
N VAL B 11 5.55 -2.64 -4.25
CA VAL B 11 4.85 -2.20 -5.46
C VAL B 11 4.54 -0.72 -5.32
N THR B 12 5.08 0.08 -6.22
CA THR B 12 5.17 1.54 -6.07
C THR B 12 4.68 2.24 -7.32
N LYS B 13 3.81 3.21 -7.15
CA LYS B 13 3.30 3.93 -8.31
C LYS B 13 4.45 4.66 -8.98
N PHE B 14 4.53 4.56 -10.32
CA PHE B 14 5.64 5.13 -11.05
C PHE B 14 5.26 5.38 -12.50
N GLY B 15 5.51 6.60 -12.99
CA GLY B 15 5.18 6.87 -14.39
C GLY B 15 3.72 6.60 -14.64
N SER B 16 3.41 5.90 -15.74
CA SER B 16 2.06 5.51 -16.11
C SER B 16 1.65 4.14 -15.56
N GLY B 17 2.44 3.56 -14.68
CA GLY B 17 2.14 2.27 -14.14
C GLY B 17 2.76 2.12 -12.77
N TRP B 18 3.59 1.08 -12.65
CA TRP B 18 4.16 0.67 -11.36
C TRP B 18 5.62 0.29 -11.55
N GLY B 19 6.32 0.22 -10.41
CA GLY B 19 7.61 -0.43 -10.34
C GLY B 19 7.72 -1.19 -9.02
N PHE B 20 8.89 -1.80 -8.81
CA PHE B 20 9.01 -2.74 -7.69
C PHE B 20 10.38 -2.59 -7.03
N TRP B 21 10.42 -2.39 -5.71
CA TRP B 21 11.68 -2.34 -4.96
C TRP B 21 12.18 -3.77 -4.73
N VAL B 22 13.26 -4.17 -5.44
CA VAL B 22 13.93 -5.44 -5.17
C VAL B 22 14.77 -5.36 -3.90
N SER B 23 15.29 -4.20 -3.60
CA SER B 23 16.17 -4.02 -2.44
C SER B 23 16.05 -2.58 -2.01
N PRO B 24 16.79 -2.17 -0.97
CA PRO B 24 16.74 -0.77 -0.57
C PRO B 24 17.16 0.21 -1.66
N THR B 25 17.95 -0.25 -2.64
CA THR B 25 18.49 0.66 -3.65
C THR B 25 18.07 0.32 -5.08
N VAL B 26 17.46 -0.85 -5.33
CA VAL B 26 17.21 -1.33 -6.70
C VAL B 26 15.71 -1.35 -6.95
N PHE B 27 15.29 -0.73 -8.07
CA PHE B 27 13.89 -0.57 -8.46
C PHE B 27 13.78 -1.08 -9.89
N ILE B 28 12.78 -1.92 -10.16
CA ILE B 28 12.59 -2.42 -11.52
C ILE B 28 11.21 -2.04 -12.02
N THR B 29 11.10 -1.89 -13.38
CA THR B 29 9.86 -1.53 -14.01
C THR B 29 10.00 -1.87 -15.49
N THR B 30 8.99 -1.55 -16.28
CA THR B 30 9.11 -1.78 -17.72
C THR B 30 9.43 -0.48 -18.40
N THR B 31 10.08 -0.61 -19.56
CA THR B 31 10.52 0.53 -20.33
C THR B 31 9.38 1.43 -20.72
N HIS B 32 8.21 0.87 -21.05
CA HIS B 32 7.13 1.73 -21.52
C HIS B 32 6.48 2.55 -20.40
N VAL B 33 6.73 2.21 -19.14
CA VAL B 33 6.14 2.93 -18.02
C VAL B 33 6.96 4.16 -17.63
N VAL B 34 8.26 4.15 -17.94
CA VAL B 34 9.19 5.18 -17.49
C VAL B 34 8.82 6.51 -18.13
N PRO B 35 8.60 7.56 -17.35
CA PRO B 35 8.31 8.88 -17.94
C PRO B 35 9.55 9.58 -18.47
N THR B 36 9.37 10.36 -19.54
CA THR B 36 10.41 11.23 -20.04
C THR B 36 10.11 12.67 -19.61
N GLY B 37 11.11 13.53 -19.74
CA GLY B 37 10.92 14.91 -19.36
C GLY B 37 10.78 15.13 -17.87
N VAL B 38 11.27 14.22 -17.04
CA VAL B 38 11.41 14.47 -15.62
C VAL B 38 12.90 14.65 -15.34
N LYS B 39 13.20 15.37 -14.26
CA LYS B 39 14.57 15.57 -13.83
C LYS B 39 14.96 14.68 -12.68
N GLU B 40 13.98 14.07 -12.02
CA GLU B 40 14.16 13.35 -10.76
C GLU B 40 13.25 12.14 -10.75
N PHE B 41 13.66 11.09 -10.04
CA PHE B 41 12.75 9.98 -9.70
C PHE B 41 12.81 9.86 -8.18
N PHE B 42 11.64 9.90 -7.51
CA PHE B 42 11.61 9.82 -6.06
C PHE B 42 12.51 10.85 -5.41
N GLY B 43 12.61 12.03 -6.02
CA GLY B 43 13.40 13.11 -5.50
C GLY B 43 14.87 13.08 -5.83
N GLU B 44 15.34 12.07 -6.54
CA GLU B 44 16.75 11.90 -6.82
C GLU B 44 17.03 12.29 -8.25
N PRO B 45 18.00 13.15 -8.51
CA PRO B 45 18.29 13.57 -9.89
C PRO B 45 18.67 12.37 -10.75
N LEU B 46 18.25 12.38 -12.02
CA LEU B 46 18.54 11.22 -12.85
C LEU B 46 20.04 10.91 -12.87
N SER B 47 20.89 11.94 -12.82
CA SER B 47 22.33 11.74 -12.92
C SER B 47 22.92 11.03 -11.69
N SER B 48 22.17 10.89 -10.61
CA SER B 48 22.58 10.18 -9.40
C SER B 48 22.12 8.72 -9.38
N ILE B 49 21.48 8.26 -10.44
CA ILE B 49 20.88 6.94 -10.52
C ILE B 49 21.63 6.20 -11.62
N ALA B 50 21.87 4.90 -11.44
CA ALA B 50 22.44 4.07 -12.49
C ALA B 50 21.23 3.41 -13.15
N ILE B 51 20.93 3.79 -14.39
CA ILE B 51 19.72 3.30 -15.08
C ILE B 51 20.19 2.34 -16.14
N HIS B 52 19.65 1.13 -16.10
CA HIS B 52 19.99 0.10 -17.05
C HIS B 52 18.71 -0.34 -17.76
N GLN B 53 18.71 -0.28 -19.08
CA GLN B 53 17.54 -0.67 -19.84
C GLN B 53 17.96 -1.79 -20.77
N ALA B 54 17.26 -2.91 -20.69
CA ALA B 54 17.49 -4.06 -21.57
C ALA B 54 16.15 -4.44 -22.20
N GLY B 55 15.91 -4.00 -23.43
CA GLY B 55 14.62 -4.29 -24.03
C GLY B 55 13.54 -3.63 -23.19
N GLU B 56 12.56 -4.42 -22.80
CA GLU B 56 11.42 -3.89 -22.08
C GLU B 56 11.65 -3.87 -20.56
N PHE B 57 12.81 -4.33 -20.10
CA PHE B 57 13.14 -4.37 -18.68
C PHE B 57 14.01 -3.17 -18.34
N THR B 58 13.59 -2.38 -17.35
CA THR B 58 14.39 -1.26 -16.87
C THR B 58 14.65 -1.39 -15.38
N GLN B 59 15.90 -1.15 -14.99
CA GLN B 59 16.29 -1.21 -13.59
C GLN B 59 17.00 0.08 -13.22
N PHE B 60 16.70 0.56 -12.02
CA PHE B 60 17.35 1.73 -11.44
C PHE B 60 18.13 1.24 -10.22
N ARG B 61 19.38 1.68 -10.09
CA ARG B 61 20.12 1.52 -8.84
C ARG B 61 20.42 2.92 -8.30
N PHE B 62 19.79 3.26 -7.18
CA PHE B 62 19.97 4.56 -6.55
C PHE B 62 21.24 4.57 -5.72
N SER B 63 21.80 5.77 -5.53
CA SER B 63 23.04 5.91 -4.79
C SER B 63 22.81 6.16 -3.31
N LYS B 64 21.59 6.19 -2.86
CA LYS B 64 21.26 6.21 -1.44
C LYS B 64 20.20 5.16 -1.19
N LYS B 65 20.10 4.74 0.08
CA LYS B 65 19.03 3.81 0.45
C LYS B 65 17.69 4.52 0.38
N MET B 66 16.81 4.03 -0.51
CA MET B 66 15.50 4.60 -0.67
C MET B 66 14.47 3.87 0.18
N ARG B 67 14.66 2.57 0.37
CA ARG B 67 13.78 1.71 1.16
C ARG B 67 14.63 0.87 2.10
N PRO B 68 15.31 1.51 3.05
CA PRO B 68 16.20 0.76 3.95
C PRO B 68 15.46 -0.24 4.84
N ASP B 69 14.13 -0.18 4.88
CA ASP B 69 13.33 -1.16 5.61
C ASP B 69 13.32 -2.53 4.97
N LEU B 70 13.67 -2.62 3.67
CA LEU B 70 13.48 -3.84 2.92
C LEU B 70 14.72 -4.70 2.94
N THR B 71 14.50 -6.01 2.91
CA THR B 71 15.57 -6.94 2.60
C THR B 71 15.71 -7.06 1.10
N GLY B 72 16.91 -7.40 0.65
CA GLY B 72 17.08 -7.57 -0.79
C GLY B 72 16.55 -8.92 -1.18
N MET B 73 15.74 -8.98 -2.22
CA MET B 73 15.18 -10.29 -2.55
C MET B 73 15.73 -10.85 -3.85
N VAL B 74 15.36 -12.11 -4.09
CA VAL B 74 15.85 -12.87 -5.24
C VAL B 74 15.07 -12.41 -6.46
N LEU B 75 15.79 -11.87 -7.44
CA LEU B 75 15.22 -11.56 -8.77
C LEU B 75 15.72 -12.62 -9.72
N GLU B 76 14.81 -13.37 -10.32
CA GLU B 76 15.17 -14.43 -11.23
C GLU B 76 14.72 -14.08 -12.65
N GLU B 77 15.39 -14.66 -13.62
CA GLU B 77 15.06 -14.43 -15.04
C GLU B 77 13.92 -15.37 -15.41
N GLY B 78 12.70 -14.96 -15.07
CA GLY B 78 11.57 -15.83 -15.29
C GLY B 78 11.47 -16.95 -14.30
N CYS B 79 10.55 -17.86 -14.55
CA CYS B 79 10.30 -18.96 -13.62
C CYS B 79 10.07 -20.24 -14.40
N PRO B 80 10.03 -21.39 -13.74
CA PRO B 80 9.81 -22.64 -14.47
C PRO B 80 8.44 -22.67 -15.12
N GLU B 81 8.40 -23.24 -16.33
CA GLU B 81 7.15 -23.38 -17.03
C GLU B 81 6.19 -24.15 -16.16
N GLY B 82 4.97 -23.69 -16.10
CA GLY B 82 3.96 -24.30 -15.29
C GLY B 82 3.79 -23.66 -13.94
N THR B 83 4.73 -22.80 -13.54
CA THR B 83 4.58 -22.09 -12.28
C THR B 83 3.33 -21.22 -12.34
N VAL B 84 2.54 -21.24 -11.29
CA VAL B 84 1.47 -20.26 -11.15
C VAL B 84 2.01 -19.05 -10.39
N CYS B 85 2.19 -17.93 -11.09
CA CYS B 85 2.59 -16.69 -10.45
C CYS B 85 1.36 -15.90 -10.00
N SER B 86 1.58 -14.99 -9.05
CA SER B 86 0.64 -13.90 -8.79
C SER B 86 1.22 -12.62 -9.35
N VAL B 87 0.40 -11.87 -10.10
CA VAL B 87 0.79 -10.55 -10.55
C VAL B 87 0.21 -9.56 -9.52
N LEU B 88 1.08 -8.81 -8.83
CA LEU B 88 0.63 -7.98 -7.70
C LEU B 88 0.17 -6.63 -8.22
N ILE B 89 -1.10 -6.61 -8.64
CA ILE B 89 -1.72 -5.44 -9.24
C ILE B 89 -2.44 -4.61 -8.19
N LYS B 90 -2.09 -3.34 -8.11
CA LYS B 90 -2.81 -2.37 -7.30
C LYS B 90 -3.61 -1.53 -8.28
N ARG B 91 -4.84 -1.21 -7.93
CA ARG B 91 -5.66 -0.33 -8.76
C ARG B 91 -5.82 1.03 -8.09
N ASP B 92 -6.37 1.98 -8.85
CA ASP B 92 -6.28 3.39 -8.45
C ASP B 92 -7.01 3.67 -7.14
N SER B 93 -8.06 2.90 -6.86
CA SER B 93 -8.80 3.08 -5.62
C SER B 93 -7.99 2.73 -4.38
N GLY B 94 -6.88 2.00 -4.55
CA GLY B 94 -6.20 1.36 -3.44
C GLY B 94 -6.50 -0.13 -3.35
N GLU B 95 -7.45 -0.61 -4.12
CA GLU B 95 -7.78 -2.02 -4.19
C GLU B 95 -6.57 -2.86 -4.60
N LEU B 96 -6.41 -4.01 -3.93
CA LEU B 96 -5.43 -5.01 -4.32
C LEU B 96 -6.11 -6.05 -5.20
N LEU B 97 -5.49 -6.34 -6.34
CA LEU B 97 -6.09 -7.26 -7.30
C LEU B 97 -5.05 -8.25 -7.77
N PRO B 98 -4.57 -9.15 -6.92
CA PRO B 98 -3.61 -10.16 -7.38
C PRO B 98 -4.25 -11.04 -8.44
N LEU B 99 -3.57 -11.19 -9.55
CA LEU B 99 -4.07 -12.07 -10.60
C LEU B 99 -3.21 -13.32 -10.73
N ALA B 100 -3.84 -14.48 -10.83
CA ALA B 100 -3.08 -15.72 -11.02
C ALA B 100 -2.81 -15.97 -12.49
N VAL B 101 -1.58 -16.35 -12.80
CA VAL B 101 -1.15 -16.60 -14.18
C VAL B 101 -0.34 -17.90 -14.21
N ARG B 102 -0.73 -18.83 -15.09
CA ARG B 102 0.07 -20.02 -15.30
C ARG B 102 1.11 -19.72 -16.36
N MET B 103 2.39 -19.82 -15.97
CA MET B 103 3.45 -19.33 -16.84
C MET B 103 3.84 -20.33 -17.92
N GLY B 104 4.15 -19.80 -19.09
CA GLY B 104 4.63 -20.62 -20.18
C GLY B 104 6.10 -20.38 -20.43
N ALA B 105 6.46 -20.23 -21.70
CA ALA B 105 7.85 -20.23 -22.11
C ALA B 105 8.48 -18.84 -22.01
N ILE B 106 9.75 -18.83 -21.63
CA ILE B 106 10.60 -17.65 -21.84
C ILE B 106 11.00 -17.60 -23.30
N ALA B 107 10.90 -16.42 -23.92
CA ALA B 107 11.25 -16.36 -25.33
C ALA B 107 11.56 -14.93 -25.74
N SER B 108 12.19 -14.82 -26.93
CA SER B 108 12.37 -13.55 -27.62
C SER B 108 11.25 -13.43 -28.64
N MET B 109 10.34 -12.49 -28.43
CA MET B 109 9.14 -12.37 -29.22
C MET B 109 8.93 -10.92 -29.64
N ARG B 110 8.35 -10.75 -30.84
CA ARG B 110 8.05 -9.39 -31.30
C ARG B 110 6.75 -8.90 -30.72
N ILE B 111 6.79 -7.77 -30.02
CA ILE B 111 5.59 -7.13 -29.49
C ILE B 111 5.57 -5.71 -30.05
N GLN B 112 4.51 -5.37 -30.80
CA GLN B 112 4.46 -4.06 -31.45
C GLN B 112 5.79 -3.67 -32.10
N GLY B 113 6.39 -4.61 -32.83
CA GLY B 113 7.54 -4.35 -33.67
C GLY B 113 8.89 -4.58 -33.02
N ARG B 114 8.94 -4.67 -31.70
CA ARG B 114 10.17 -4.77 -30.94
C ARG B 114 10.38 -6.20 -30.44
N LEU B 115 11.62 -6.67 -30.50
CA LEU B 115 11.94 -7.98 -29.93
C LEU B 115 12.13 -7.83 -28.43
N VAL B 116 11.27 -8.50 -27.66
CA VAL B 116 11.21 -8.44 -26.20
C VAL B 116 11.64 -9.79 -25.66
N HIS B 117 12.48 -9.78 -24.63
CA HIS B 117 12.81 -10.98 -23.88
C HIS B 117 11.81 -11.06 -22.72
N GLY B 118 10.93 -12.07 -22.76
CA GLY B 118 9.82 -12.08 -21.83
C GLY B 118 9.35 -13.49 -21.60
N GLN B 119 8.42 -13.64 -20.66
CA GLN B 119 7.77 -14.92 -20.41
C GLN B 119 6.28 -14.74 -20.55
N SER B 120 5.66 -15.55 -21.41
CA SER B 120 4.23 -15.49 -21.57
C SER B 120 3.57 -16.32 -20.50
N GLY B 121 2.31 -15.99 -20.21
CA GLY B 121 1.51 -16.87 -19.38
C GLY B 121 0.04 -16.72 -19.68
N MET B 122 -0.73 -17.68 -19.19
CA MET B 122 -2.17 -17.69 -19.35
C MET B 122 -2.84 -17.22 -18.07
N LEU B 123 -3.65 -16.16 -18.18
CA LEU B 123 -4.46 -15.72 -17.04
C LEU B 123 -5.41 -16.80 -16.60
N LEU B 124 -5.62 -16.91 -15.29
CA LEU B 124 -6.64 -17.81 -14.80
C LEU B 124 -7.87 -17.05 -14.26
N LEU B 134 -11.97 -9.03 -15.89
CA LEU B 134 -10.97 -9.24 -14.86
C LEU B 134 -9.58 -9.44 -15.45
N GLY B 135 -9.29 -8.76 -16.56
CA GLY B 135 -7.99 -8.83 -17.20
C GLY B 135 -7.09 -7.67 -16.81
N THR B 136 -5.91 -7.63 -17.43
CA THR B 136 -4.96 -6.57 -17.16
C THR B 136 -5.29 -5.37 -18.03
N ILE B 137 -4.87 -4.19 -17.58
CA ILE B 137 -5.17 -2.90 -18.20
C ILE B 137 -3.87 -2.11 -18.33
N PRO B 138 -3.86 -1.05 -19.15
CA PRO B 138 -2.60 -0.32 -19.37
C PRO B 138 -1.92 0.14 -18.10
N GLY B 139 -2.69 0.58 -17.11
CA GLY B 139 -2.09 1.07 -15.89
C GLY B 139 -1.39 0.02 -15.05
N ASP B 140 -1.49 -1.25 -15.41
CA ASP B 140 -0.93 -2.34 -14.62
C ASP B 140 0.52 -2.64 -14.97
N CYS B 141 1.03 -2.05 -16.05
CA CYS B 141 2.39 -2.40 -16.45
C CYS B 141 3.36 -2.04 -15.35
N GLY B 142 4.36 -2.89 -15.16
CA GLY B 142 5.34 -2.74 -14.07
C GLY B 142 5.01 -3.54 -12.85
N ALA B 143 3.79 -4.05 -12.73
CA ALA B 143 3.46 -4.87 -11.58
C ALA B 143 4.31 -6.15 -11.58
N PRO B 144 4.74 -6.60 -10.43
CA PRO B 144 5.65 -7.75 -10.37
C PRO B 144 4.91 -9.08 -10.50
N TYR B 145 5.60 -10.03 -11.14
CA TYR B 145 5.21 -11.45 -11.17
C TYR B 145 5.99 -12.15 -10.07
N VAL B 146 5.28 -12.75 -9.10
CA VAL B 146 5.93 -13.36 -7.95
C VAL B 146 5.42 -14.77 -7.73
N HIS B 147 6.26 -15.59 -7.08
CA HIS B 147 5.86 -16.89 -6.60
C HIS B 147 6.69 -17.26 -5.37
N LYS B 148 6.17 -18.19 -4.59
CA LYS B 148 6.77 -18.59 -3.31
C LYS B 148 7.45 -19.93 -3.53
N ARG B 149 8.75 -19.97 -3.26
CA ARG B 149 9.54 -21.20 -3.41
C ARG B 149 10.06 -21.58 -2.04
N GLY B 150 9.52 -22.65 -1.47
CA GLY B 150 9.79 -23.00 -0.10
C GLY B 150 9.28 -21.92 0.82
N ASN B 151 10.20 -21.26 1.53
CA ASN B 151 9.85 -20.20 2.46
C ASN B 151 10.10 -18.81 1.89
N ASP B 152 10.60 -18.70 0.67
CA ASP B 152 11.05 -17.43 0.12
C ASP B 152 10.19 -17.04 -1.07
N TRP B 153 9.77 -15.78 -1.09
CA TRP B 153 9.17 -15.19 -2.29
C TRP B 153 10.24 -14.78 -3.27
N VAL B 154 9.93 -15.00 -4.56
CA VAL B 154 10.82 -14.72 -5.67
C VAL B 154 10.05 -13.79 -6.59
N VAL B 155 10.74 -12.78 -7.14
CA VAL B 155 10.17 -11.96 -8.21
C VAL B 155 10.85 -12.41 -9.50
N CYS B 156 10.07 -12.61 -10.54
CA CYS B 156 10.66 -13.14 -11.77
C CYS B 156 10.36 -12.32 -13.00
N GLY B 157 9.66 -11.21 -12.88
CA GLY B 157 9.45 -10.35 -14.02
C GLY B 157 8.49 -9.22 -13.65
N VAL B 158 8.28 -8.33 -14.60
CA VAL B 158 7.34 -7.21 -14.43
C VAL B 158 6.36 -7.17 -15.59
N HIS B 159 5.12 -6.78 -15.31
CA HIS B 159 4.08 -6.89 -16.34
C HIS B 159 4.35 -5.93 -17.49
N ALA B 160 4.34 -6.46 -18.73
CA ALA B 160 4.71 -5.68 -19.92
C ALA B 160 3.63 -5.60 -21.00
N ALA B 161 2.78 -6.61 -21.14
CA ALA B 161 1.89 -6.70 -22.32
C ALA B 161 0.82 -7.76 -22.11
N ALA B 162 -0.21 -7.68 -22.94
CA ALA B 162 -1.27 -8.66 -22.97
C ALA B 162 -1.81 -8.66 -24.39
N THR B 163 -2.33 -9.80 -24.82
CA THR B 163 -2.93 -9.86 -26.14
C THR B 163 -4.25 -9.10 -26.15
N LYS B 164 -4.73 -8.82 -27.39
CA LYS B 164 -6.00 -8.15 -27.55
C LYS B 164 -7.11 -8.91 -26.86
N SER B 165 -7.12 -10.23 -26.99
CA SER B 165 -8.12 -11.02 -26.30
C SER B 165 -8.02 -10.87 -24.81
N GLY B 166 -6.81 -10.65 -24.27
CA GLY B 166 -6.60 -10.56 -22.85
C GLY B 166 -6.18 -11.85 -22.17
N ASN B 167 -6.30 -12.99 -22.87
CA ASN B 167 -6.03 -14.31 -22.29
C ASN B 167 -4.55 -14.54 -21.99
N THR B 168 -3.65 -13.92 -22.76
CA THR B 168 -2.21 -14.14 -22.64
C THR B 168 -1.59 -12.86 -22.13
N VAL B 169 -0.71 -12.97 -21.15
CA VAL B 169 0.05 -11.84 -20.63
C VAL B 169 1.52 -12.14 -20.84
N VAL B 170 2.33 -11.08 -20.84
CA VAL B 170 3.79 -11.21 -20.95
C VAL B 170 4.42 -10.38 -19.86
N CYS B 171 5.38 -10.97 -19.15
CA CYS B 171 6.22 -10.20 -18.24
C CYS B 171 7.60 -10.07 -18.85
N ALA B 172 8.17 -8.88 -18.74
CA ALA B 172 9.55 -8.68 -19.14
C ALA B 172 10.47 -9.32 -18.11
N VAL B 173 11.54 -9.97 -18.57
CA VAL B 173 12.45 -10.61 -17.64
C VAL B 173 13.86 -10.06 -17.84
N GLN B 174 14.67 -10.21 -16.80
CA GLN B 174 16.10 -9.86 -16.82
C GLN B 174 16.80 -10.92 -15.99
C01 AG7 C . 0.69 15.85 20.07
C02 AG7 C . -0.39 16.74 19.48
O03 AG7 C . 0.85 14.72 19.64
C04 AG7 C . -1.12 16.10 18.29
C05 AG7 C . -2.13 17.14 17.75
C06 AG7 C . -3.34 17.21 18.62
C07 AG7 C . -4.18 16.10 18.71
C08 AG7 C . -5.30 16.12 19.49
C09 AG7 C . -5.60 17.26 20.21
C10 AG7 C . -4.78 18.37 20.18
C11 AG7 C . -3.66 18.33 19.37
N12 AG7 C . -0.43 14.62 16.44
C13 AG7 C . 0.45 14.27 15.32
C14 AG7 C . 1.11 12.93 15.66
C15 AG7 C . 2.15 13.05 16.82
C16 AG7 C . 3.02 11.82 16.99
N17 AG7 C . 4.28 12.22 17.20
O18 AG7 C . 2.69 10.67 17.02
C19 AG7 C . -0.17 14.35 13.90
C20 AG7 C . -1.34 15.30 13.82
C21 AG7 C . -0.71 16.64 13.66
O22 AG7 C . -1.48 17.62 14.16
O23 AG7 C . 0.37 16.75 13.16
C47 AG7 C . -0.20 15.76 17.15
O48 AG7 C . 0.73 16.52 16.87
C50 AG7 C . -1.45 18.97 13.66
C53 AG7 C . -2.50 19.12 12.55
C57 AG7 C . 1.63 16.36 21.24
N58 AG7 C . 1.36 15.36 22.28
C59 AG7 C . 0.69 15.66 23.41
O60 AG7 C . 0.25 16.79 23.68
C78 AG7 C . 3.01 16.65 20.69
C81 AG7 C . 3.76 15.39 20.38
F1 AG7 C . -6.71 17.27 20.99
C82 AG7 C . 2.97 17.62 19.51
C83 AG7 C . 4.47 13.65 17.17
C84 AG7 C . 3.16 14.17 16.55
C1 AG7 C . 0.40 14.45 24.26
C2 AG7 C . -0.15 14.31 25.55
C3 AG7 C . -0.27 12.95 25.69
O4 AG7 C . 0.09 12.32 24.56
N5 AG7 C . 0.46 13.28 23.68
C4 AG7 C . -0.72 12.05 26.80
H2 AG7 C . -1.02 17.00 20.17
H3 AG7 C . 0.06 17.55 19.21
H27 AG7 C . -1.59 15.31 18.59
H28 AG7 C . -2.38 16.89 16.85
H29 AG7 C . -1.71 18.01 17.71
H30 AG7 C . -3.99 15.35 18.22
H31 AG7 C . -5.86 15.37 19.53
H33 AG7 C . -5.00 19.13 20.67
H34 AG7 C . -3.11 19.08 19.33
H49 AG7 C . -1.08 14.11 16.64
H91 AG7 C . 1.14 14.95 15.31
H35 AG7 C . 1.52 12.54 14.87
H36 AG7 C . 0.44 12.29 15.95
H94 AG7 C . 1.66 13.20 17.65
H39 AG7 C . 4.93 11.66 17.33
H191 AG7 C . -0.16 13.55 13.36
H192 AG7 C . 0.55 14.78 13.42
H41 AG7 C . -1.90 15.32 14.62
H42 AG7 C . -1.93 15.11 13.07
H51 AG7 C . -0.57 19.16 13.31
H52 AG7 C . -1.64 19.59 14.38
H53 AG7 C . -2.53 18.35 11.98
H54 AG7 C . -2.32 19.91 12.01
H56 AG7 C . -3.37 19.23 12.96
H77 AG7 C . 1.27 17.19 21.57
H61 AG7 C . 1.58 14.54 22.13
H79 AG7 C . 3.49 17.09 21.41
H82 AG7 C . 3.19 14.73 19.97
H84 AG7 C . 4.49 15.57 19.77
H85 AG7 C . 4.16 14.99 21.18
H86 AG7 C . 2.42 18.40 19.68
H87 AG7 C . 2.62 17.18 18.72
H88 AG7 C . 3.86 17.94 19.29
H89 AG7 C . 4.62 14.00 18.05
H90 AG7 C . 5.24 13.88 16.63
H92 AG7 C . 2.90 15.03 16.93
H93 AG7 C . 3.28 14.29 15.60
H8 AG7 C . -0.32 14.96 26.20
H5 AG7 C . -0.12 12.13 27.56
H6 AG7 C . -1.61 12.27 27.09
H7 AG7 C . -0.72 11.13 26.49
C01 AG7 D . 0.62 -4.54 -25.72
C02 AG7 D . 1.72 -3.51 -25.82
O03 AG7 D . 0.32 -4.94 -24.60
C04 AG7 D . 2.29 -3.11 -24.46
C05 AG7 D . 3.41 -2.10 -24.73
C06 AG7 D . 4.67 -2.67 -25.33
C07 AG7 D . 5.45 -3.54 -24.58
C08 AG7 D . 6.61 -4.09 -25.14
C09 AG7 D . 6.98 -3.73 -26.41
C10 AG7 D . 6.23 -2.87 -27.19
C11 AG7 D . 5.07 -2.35 -26.63
N12 AG7 D . 1.34 -2.75 -22.24
C13 AG7 D . 0.38 -2.15 -21.30
C14 AG7 D . -0.40 -3.29 -20.64
C15 AG7 D . -1.37 -3.98 -21.63
C16 AG7 D . -2.29 -4.93 -20.89
N17 AG7 D . -3.54 -4.76 -21.36
O18 AG7 D . -2.00 -5.71 -20.00
C19 AG7 D . 0.91 -1.15 -20.29
C20 AG7 D . 2.12 -0.40 -20.81
C21 AG7 D . 1.49 0.72 -21.56
O22 AG7 D . 2.36 1.33 -22.35
O23 AG7 D . 0.33 1.02 -21.44
C47 AG7 D . 1.25 -2.48 -23.57
O48 AG7 D . 0.41 -1.71 -24.03
C50 AG7 D . 1.99 1.74 -23.67
C53 AG7 D . 2.64 3.11 -23.89
C57 AG7 D . -0.19 -5.02 -26.97
N58 AG7 D . 0.07 -6.45 -26.95
C59 AG7 D . 0.79 -7.05 -27.89
O60 AG7 D . 1.26 -6.50 -28.88
C78 AG7 D . -1.56 -4.44 -26.89
C81 AG7 D . -2.39 -4.95 -25.75
F1 AG7 D . 8.13 -4.23 -26.95
C82 AG7 D . -1.60 -2.90 -26.87
C83 AG7 D . -3.64 -3.78 -22.42
C84 AG7 D . -2.34 -2.99 -22.27
C1 AG7 D . 1.07 -8.48 -27.57
C2 AG7 D . 1.79 -9.49 -28.28
C3 AG7 D . 1.82 -10.55 -27.41
O4 AG7 D . 1.25 -10.18 -26.26
N5 AG7 D . 0.84 -8.88 -26.34
C4 AG7 D . 2.32 -11.95 -27.44
H2 AG7 D . 1.41 -2.73 -26.31
H3 AG7 D . 2.40 -3.92 -26.37
H27 AG7 D . 2.67 -3.89 -24.04
H28 AG7 D . 3.62 -1.66 -23.88
H29 AG7 D . 3.06 -1.40 -25.31
H30 AG7 D . 5.21 -3.78 -23.71
H31 AG7 D . 7.14 -4.65 -24.64
H33 AG7 D . 6.50 -2.65 -28.05
H34 AG7 D . 4.55 -1.76 -27.14
H49 AG7 D . 1.96 -3.27 -21.94
H91 AG7 D . -0.24 -1.65 -21.86
H35 AG7 D . -0.87 -2.96 -19.86
H36 AG7 D . 0.21 -3.97 -20.32
H94 AG7 D . -0.86 -4.49 -22.28
H39 AG7 D . -4.21 -5.21 -21.06
H191 AG7 D . 0.77 -1.28 -19.34
H192 AG7 D . 0.19 -0.53 -20.33
H41 AG7 D . 2.68 -0.93 -21.42
H42 AG7 D . 2.70 -0.08 -20.10
H51 AG7 D . 1.03 1.80 -23.75
H52 AG7 D . 2.31 1.09 -24.32
H53 AG7 D . 2.34 3.75 -23.23
H54 AG7 D . 3.61 3.05 -23.85
H56 AG7 D . 2.39 3.44 -24.76
H77 AG7 D . 0.25 -4.68 -27.76
H61 AG7 D . -0.17 -6.88 -26.24
H79 AG7 D . -2.00 -4.72 -27.71
H82 AG7 D . -1.86 -5.17 -24.98
H84 AG7 D . -2.85 -5.76 -26.02
H85 AG7 D . -3.06 -4.31 -25.48
H86 AG7 D . -2.51 -2.57 -26.93
H87 AG7 D . -1.23 -2.57 -26.05
H88 AG7 D . -1.09 -2.53 -27.60
H89 AG7 D . -4.42 -3.23 -22.29
H90 AG7 D . -3.72 -4.20 -23.28
H92 AG7 D . -2.45 -2.19 -21.75
H93 AG7 D . -2.02 -2.73 -23.15
H8 AG7 D . 2.09 -9.47 -29.15
H5 AG7 D . 3.03 -12.08 -26.79
H6 AG7 D . 1.62 -12.58 -27.26
H7 AG7 D . 2.69 -12.14 -28.32
#